data_9L6N
#
_entry.id   9L6N
#
_cell.length_a   55.128
_cell.length_b   85.367
_cell.length_c   57.910
_cell.angle_alpha   90.00
_cell.angle_beta   98.94
_cell.angle_gamma   90.00
#
_symmetry.space_group_name_H-M   'P 1 21 1'
#
loop_
_entity.id
_entity.type
_entity.pdbx_description
1 polymer 'ORF1ab polyprotein'
2 polymer 'Replicase polyprotein 1a'
3 water water
#
loop_
_entity_poly.entity_id
_entity_poly.type
_entity_poly.pdbx_seq_one_letter_code
_entity_poly.pdbx_strand_id
1 'polypeptide(L)'
;MAGLRKMAQPSGVVEKCIVRVCYGNMALNGLWLGDTVMCPRHVIASSTTSTIDYDYALSVLRLHNFSISSGNVFLGVVGV
TMRGALLQIKVNQNNVHTPKYTYRTVRPGESFNILACYDGAAAGVYGVNMRSNYTIRGSFINGAAGSPGYNINNGTVEFC
YLHQLELGSGCHVGSDLDGVMYGGYEDQPTLQVEGASSLFTENVLAFLYAALINGSTWWLSSSRIAVDRFNEWAVHNGMT
TVVNTDCFSIFAAKTGVDVQRLLASIQSLHKNFGGKQILGYTSLTDEFTTGEVIRQMYGVLEHHHHHHHH
;
A,B
2 'polypeptide(L)' YGVNLQ C
#
# COMPACT_ATOMS: atom_id res chain seq x y z
N ALA A 2 4.75 12.73 10.50
CA ALA A 2 4.41 11.68 11.46
C ALA A 2 3.60 10.59 10.77
N GLY A 3 3.71 9.37 11.27
CA GLY A 3 2.98 8.23 10.69
C GLY A 3 3.90 7.27 9.97
N LEU A 4 3.81 5.98 10.28
CA LEU A 4 4.57 4.97 9.50
C LEU A 4 3.54 4.11 8.74
N ARG A 5 3.67 4.04 7.42
CA ARG A 5 2.72 3.26 6.60
C ARG A 5 3.50 2.49 5.52
N LYS A 6 3.32 1.17 5.49
CA LYS A 6 3.91 0.37 4.41
C LYS A 6 3.30 0.92 3.12
N MET A 7 4.10 1.64 2.36
CA MET A 7 3.53 2.29 1.18
C MET A 7 4.19 1.79 -0.10
N ALA A 8 3.65 2.27 -1.20
CA ALA A 8 4.19 1.88 -2.51
C ALA A 8 4.56 3.15 -3.26
N GLN A 9 5.60 3.05 -4.08
CA GLN A 9 5.92 4.20 -4.94
C GLN A 9 4.83 4.28 -6.00
N PRO A 10 4.57 5.44 -6.63
CA PRO A 10 3.46 5.58 -7.58
C PRO A 10 3.65 4.64 -8.77
N SER A 11 2.56 4.04 -9.20
CA SER A 11 2.59 2.95 -10.18
C SER A 11 2.47 3.43 -11.61
N GLY A 12 2.26 4.74 -11.81
CA GLY A 12 2.01 5.29 -13.13
C GLY A 12 2.89 4.77 -14.24
N VAL A 13 4.22 4.88 -14.07
CA VAL A 13 5.13 4.55 -15.18
C VAL A 13 5.13 3.05 -15.47
N VAL A 14 4.93 2.22 -14.45
CA VAL A 14 4.85 0.79 -14.66
C VAL A 14 3.49 0.37 -15.23
N GLU A 15 2.42 1.12 -14.94
CA GLU A 15 1.07 0.73 -15.36
C GLU A 15 0.97 0.57 -16.87
N LYS A 16 1.68 1.42 -17.62
CA LYS A 16 1.61 1.37 -19.08
C LYS A 16 2.42 0.24 -19.70
N CYS A 17 3.05 -0.62 -18.90
CA CYS A 17 3.86 -1.69 -19.45
C CYS A 17 3.21 -3.05 -19.26
N ILE A 18 1.97 -3.09 -18.79
CA ILE A 18 1.28 -4.35 -18.51
C ILE A 18 0.51 -4.76 -19.74
N VAL A 19 0.63 -6.04 -20.11
CA VAL A 19 -0.13 -6.61 -21.21
C VAL A 19 -0.81 -7.86 -20.67
N ARG A 20 -1.87 -8.25 -21.36
CA ARG A 20 -2.46 -9.57 -21.19
C ARG A 20 -1.75 -10.53 -22.14
N VAL A 21 -1.24 -11.64 -21.60
CA VAL A 21 -0.63 -12.66 -22.43
C VAL A 21 -1.47 -13.92 -22.33
N CYS A 22 -2.10 -14.28 -23.43
CA CYS A 22 -2.98 -15.43 -23.52
C CYS A 22 -2.39 -16.44 -24.50
N TYR A 23 -2.37 -17.70 -24.11
CA TYR A 23 -1.97 -18.78 -25.00
C TYR A 23 -2.91 -19.96 -24.80
N GLY A 24 -3.59 -20.36 -25.87
CA GLY A 24 -4.61 -21.40 -25.74
C GLY A 24 -5.68 -20.97 -24.75
N ASN A 25 -5.84 -21.73 -23.67
CA ASN A 25 -6.77 -21.38 -22.61
C ASN A 25 -6.11 -20.77 -21.39
N MET A 26 -4.80 -20.51 -21.43
CA MET A 26 -4.07 -19.88 -20.33
C MET A 26 -3.97 -18.39 -20.58
N ALA A 27 -4.16 -17.61 -19.53
CA ALA A 27 -3.98 -16.17 -19.64
C ALA A 27 -3.27 -15.71 -18.38
N LEU A 28 -2.36 -14.77 -18.55
CA LEU A 28 -1.73 -14.13 -17.41
C LEU A 28 -1.17 -12.80 -17.87
N ASN A 29 -0.39 -12.17 -17.03
CA ASN A 29 0.13 -10.85 -17.29
C ASN A 29 1.54 -10.92 -17.83
N GLY A 30 1.88 -9.94 -18.67
CA GLY A 30 3.22 -9.80 -19.15
C GLY A 30 3.70 -8.36 -18.98
N LEU A 31 5.00 -8.21 -19.09
CA LEU A 31 5.64 -6.90 -18.97
C LEU A 31 6.21 -6.57 -20.34
N TRP A 32 5.80 -5.45 -20.88
CA TRP A 32 6.09 -5.11 -22.27
C TRP A 32 7.01 -3.91 -22.22
N LEU A 33 8.28 -4.13 -22.59
CA LEU A 33 9.31 -3.10 -22.59
C LEU A 33 9.93 -3.10 -23.97
N GLY A 34 10.06 -1.91 -24.55
CA GLY A 34 10.50 -1.83 -25.94
C GLY A 34 9.67 -2.76 -26.80
N ASP A 35 10.34 -3.62 -27.57
CA ASP A 35 9.65 -4.55 -28.45
C ASP A 35 9.61 -5.97 -27.88
N THR A 36 9.75 -6.11 -26.57
CA THR A 36 9.84 -7.39 -25.91
C THR A 36 8.76 -7.48 -24.83
N VAL A 37 8.13 -8.65 -24.73
CA VAL A 37 7.21 -8.97 -23.65
C VAL A 37 7.82 -10.13 -22.86
N MET A 38 7.92 -9.93 -21.55
CA MET A 38 8.29 -10.97 -20.60
C MET A 38 7.06 -11.44 -19.84
N CYS A 39 6.97 -12.74 -19.60
CA CYS A 39 5.86 -13.31 -18.85
C CYS A 39 6.27 -14.70 -18.37
N PRO A 40 5.63 -15.23 -17.32
CA PRO A 40 5.98 -16.57 -16.84
C PRO A 40 5.76 -17.63 -17.91
N ARG A 41 6.67 -18.59 -17.97
CA ARG A 41 6.60 -19.56 -19.05
C ARG A 41 5.46 -20.55 -18.86
N HIS A 42 4.87 -20.63 -17.66
CA HIS A 42 3.82 -21.64 -17.56
C HIS A 42 2.51 -21.22 -18.24
N VAL A 43 2.50 -20.10 -18.96
CA VAL A 43 1.36 -19.77 -19.79
C VAL A 43 1.28 -20.66 -21.03
N ILE A 44 2.38 -21.31 -21.43
CA ILE A 44 2.33 -22.25 -22.54
C ILE A 44 2.16 -23.69 -22.10
N ALA A 45 2.00 -23.93 -20.80
CA ALA A 45 1.77 -25.28 -20.30
C ALA A 45 0.32 -25.67 -20.53
N SER A 46 0.11 -26.95 -20.83
CA SER A 46 -1.24 -27.43 -21.12
C SER A 46 -2.07 -27.57 -19.86
N SER A 47 -1.43 -27.91 -18.74
CA SER A 47 -2.08 -27.96 -17.43
C SER A 47 -1.02 -27.69 -16.35
N THR A 48 -1.40 -26.89 -15.36
CA THR A 48 -0.52 -26.58 -14.24
C THR A 48 -0.73 -27.52 -13.06
N THR A 49 -1.27 -28.73 -13.30
CA THR A 49 -1.53 -29.72 -12.27
C THR A 49 -0.54 -30.87 -12.25
N SER A 50 0.13 -31.14 -13.36
CA SER A 50 1.13 -32.20 -13.43
C SER A 50 2.41 -31.61 -14.00
N THR A 51 3.55 -32.26 -13.68
CA THR A 51 4.87 -31.80 -14.12
C THR A 51 4.85 -31.37 -15.57
N ILE A 52 5.60 -30.31 -15.89
CA ILE A 52 5.58 -29.68 -17.21
C ILE A 52 6.94 -29.88 -17.86
N ASP A 53 6.94 -30.38 -19.09
CA ASP A 53 8.16 -30.36 -19.91
C ASP A 53 8.10 -29.07 -20.71
N TYR A 54 8.67 -28.01 -20.14
CA TYR A 54 8.58 -26.69 -20.76
C TYR A 54 9.25 -26.67 -22.12
N ASP A 55 10.36 -27.38 -22.26
CA ASP A 55 11.02 -27.46 -23.55
C ASP A 55 10.11 -28.07 -24.61
N TYR A 56 9.34 -29.09 -24.24
CA TYR A 56 8.42 -29.70 -25.18
C TYR A 56 7.36 -28.70 -25.63
N ALA A 57 6.70 -28.03 -24.68
CA ALA A 57 5.65 -27.07 -25.00
C ALA A 57 6.17 -25.98 -25.93
N LEU A 58 7.39 -25.50 -25.69
CA LEU A 58 7.94 -24.46 -26.54
C LEU A 58 8.14 -24.96 -27.97
N SER A 59 8.59 -26.22 -28.11
CA SER A 59 8.87 -26.72 -29.47
C SER A 59 7.58 -26.91 -30.28
N VAL A 60 6.47 -27.27 -29.63
CA VAL A 60 5.21 -27.44 -30.34
C VAL A 60 4.39 -26.16 -30.39
N LEU A 61 4.92 -25.06 -29.85
CA LEU A 61 4.19 -23.80 -29.76
C LEU A 61 3.90 -23.22 -31.14
N ARG A 62 2.67 -22.74 -31.31
CA ARG A 62 2.26 -22.08 -32.54
C ARG A 62 2.11 -20.59 -32.23
N LEU A 63 2.86 -19.75 -32.95
CA LEU A 63 2.88 -18.32 -32.67
C LEU A 63 1.47 -17.73 -32.75
N HIS A 64 0.70 -18.14 -33.77
CA HIS A 64 -0.65 -17.60 -33.94
C HIS A 64 -1.58 -17.96 -32.77
N ASN A 65 -1.20 -18.95 -31.96
CA ASN A 65 -1.98 -19.25 -30.77
C ASN A 65 -1.82 -18.22 -29.66
N PHE A 66 -0.83 -17.33 -29.76
CA PHE A 66 -0.71 -16.27 -28.78
C PHE A 66 -1.71 -15.16 -29.06
N SER A 67 -2.28 -14.61 -28.00
CA SER A 67 -2.98 -13.32 -28.08
C SER A 67 -2.45 -12.43 -26.96
N ILE A 68 -1.70 -11.41 -27.34
CA ILE A 68 -1.08 -10.47 -26.43
C ILE A 68 -1.70 -9.11 -26.70
N SER A 69 -2.22 -8.49 -25.66
CA SER A 69 -2.86 -7.20 -25.85
C SER A 69 -2.58 -6.28 -24.66
N SER A 70 -2.42 -5.00 -24.99
CA SER A 70 -2.40 -3.92 -24.01
C SER A 70 -3.70 -3.16 -24.24
N GLY A 71 -4.70 -3.43 -23.42
CA GLY A 71 -6.03 -2.90 -23.73
C GLY A 71 -6.50 -3.55 -25.02
N ASN A 72 -6.83 -2.75 -26.03
CA ASN A 72 -7.15 -3.30 -27.35
C ASN A 72 -6.07 -2.97 -28.38
N VAL A 73 -4.90 -2.53 -27.92
CA VAL A 73 -3.70 -2.66 -28.74
C VAL A 73 -3.31 -4.13 -28.72
N PHE A 74 -3.47 -4.81 -29.85
CA PHE A 74 -3.09 -6.21 -29.98
C PHE A 74 -1.72 -6.30 -30.63
N LEU A 75 -0.87 -7.17 -30.09
CA LEU A 75 0.54 -7.20 -30.42
C LEU A 75 0.84 -8.48 -31.21
N GLY A 76 1.43 -8.31 -32.39
CA GLY A 76 1.82 -9.48 -33.17
C GLY A 76 3.11 -10.05 -32.62
N VAL A 77 3.19 -11.38 -32.61
CA VAL A 77 4.32 -12.07 -32.03
C VAL A 77 5.33 -12.43 -33.12
N VAL A 78 6.52 -11.88 -33.04
CA VAL A 78 7.58 -12.14 -34.07
C VAL A 78 8.41 -13.36 -33.67
N GLY A 79 8.61 -13.58 -32.38
CA GLY A 79 9.46 -14.69 -31.91
C GLY A 79 9.34 -14.97 -30.43
N VAL A 80 9.69 -16.19 -30.03
CA VAL A 80 9.61 -16.57 -28.60
C VAL A 80 10.89 -17.33 -28.20
N THR A 81 11.49 -16.97 -27.07
CA THR A 81 12.68 -17.65 -26.55
C THR A 81 12.47 -17.89 -25.07
N MET A 82 13.09 -18.95 -24.56
CA MET A 82 13.01 -19.25 -23.10
C MET A 82 14.06 -18.42 -22.35
N ARG A 83 13.66 -17.81 -21.25
CA ARG A 83 14.57 -17.02 -20.39
C ARG A 83 14.32 -17.53 -18.97
N GLY A 84 14.89 -18.69 -18.66
CA GLY A 84 14.66 -19.31 -17.35
C GLY A 84 13.21 -19.67 -17.12
N ALA A 85 12.63 -19.15 -16.05
CA ALA A 85 11.21 -19.40 -15.73
C ALA A 85 10.30 -18.41 -16.49
N LEU A 86 10.86 -17.70 -17.44
CA LEU A 86 10.08 -16.71 -18.20
C LEU A 86 10.13 -16.97 -19.70
N LEU A 87 9.20 -16.36 -20.40
CA LEU A 87 9.27 -16.40 -21.87
C LEU A 87 9.65 -14.99 -22.34
N GLN A 88 10.62 -14.89 -23.24
CA GLN A 88 10.98 -13.63 -23.88
C GLN A 88 10.32 -13.62 -25.26
N ILE A 89 9.25 -12.85 -25.39
CA ILE A 89 8.47 -12.79 -26.62
C ILE A 89 8.82 -11.49 -27.33
N LYS A 90 9.33 -11.59 -28.55
CA LYS A 90 9.53 -10.42 -29.38
C LYS A 90 8.21 -10.08 -30.07
N VAL A 91 7.78 -8.81 -29.99
CA VAL A 91 6.52 -8.37 -30.57
C VAL A 91 6.81 -7.34 -31.66
N ASN A 92 5.79 -7.05 -32.47
CA ASN A 92 6.00 -6.26 -33.68
C ASN A 92 5.84 -4.76 -33.46
N GLN A 93 5.65 -4.34 -32.22
CA GLN A 93 5.48 -2.93 -31.91
C GLN A 93 6.27 -2.58 -30.68
N ASN A 94 6.79 -1.36 -30.66
CA ASN A 94 7.51 -0.84 -29.50
C ASN A 94 6.50 -0.20 -28.54
N ASN A 95 6.66 -0.48 -27.25
CA ASN A 95 5.92 0.24 -26.21
C ASN A 95 6.51 1.64 -26.08
N VAL A 96 5.83 2.66 -26.62
CA VAL A 96 6.43 4.00 -26.64
C VAL A 96 6.52 4.56 -25.24
N HIS A 97 5.75 4.04 -24.31
CA HIS A 97 5.77 4.49 -22.93
C HIS A 97 6.72 3.65 -22.06
N THR A 98 7.67 2.96 -22.68
CA THR A 98 8.67 2.25 -21.93
C THR A 98 9.44 3.26 -21.09
N PRO A 99 9.52 3.10 -19.79
CA PRO A 99 10.31 4.02 -18.97
C PRO A 99 11.80 3.70 -19.12
N LYS A 100 12.64 4.58 -18.60
CA LYS A 100 14.02 4.20 -18.39
C LYS A 100 14.04 3.08 -17.35
N TYR A 101 14.77 2.00 -17.64
CA TYR A 101 14.70 0.87 -16.73
C TYR A 101 16.01 0.11 -16.68
N THR A 102 16.19 -0.60 -15.57
CA THR A 102 17.23 -1.60 -15.36
C THR A 102 16.57 -2.83 -14.77
N TYR A 103 17.29 -3.95 -14.81
CA TYR A 103 16.89 -5.12 -14.04
C TYR A 103 17.79 -5.22 -12.82
N ARG A 104 17.23 -5.65 -11.70
CA ARG A 104 18.08 -5.93 -10.55
C ARG A 104 17.42 -7.00 -9.68
N THR A 105 18.19 -8.01 -9.32
CA THR A 105 17.78 -9.06 -8.39
C THR A 105 17.87 -8.52 -6.96
N VAL A 106 16.74 -8.48 -6.25
CA VAL A 106 16.79 -8.01 -4.87
C VAL A 106 17.24 -9.14 -3.96
N ARG A 107 17.88 -8.75 -2.87
CA ARG A 107 18.35 -9.66 -1.84
C ARG A 107 17.41 -9.63 -0.64
N PRO A 108 17.45 -10.64 0.20
CA PRO A 108 16.55 -10.67 1.37
C PRO A 108 16.71 -9.41 2.22
N GLY A 109 15.59 -8.97 2.79
CA GLY A 109 15.55 -7.78 3.61
C GLY A 109 15.39 -6.49 2.84
N GLU A 110 15.30 -6.55 1.51
CA GLU A 110 15.11 -5.37 0.68
C GLU A 110 13.64 -5.21 0.36
N SER A 111 13.19 -3.96 0.30
CA SER A 111 11.80 -3.64 -0.02
C SER A 111 11.66 -3.36 -1.51
N PHE A 112 10.46 -3.64 -2.03
CA PHE A 112 10.09 -3.22 -3.38
C PHE A 112 8.57 -3.13 -3.47
N ASN A 113 8.10 -2.75 -4.66
CA ASN A 113 6.67 -2.53 -4.90
C ASN A 113 6.12 -3.62 -5.80
N ILE A 114 4.92 -4.08 -5.48
CA ILE A 114 4.16 -4.98 -6.35
C ILE A 114 3.05 -4.19 -7.00
N LEU A 115 2.99 -4.23 -8.33
CA LEU A 115 1.82 -3.83 -9.09
C LEU A 115 1.02 -5.09 -9.38
N ALA A 116 0.00 -5.36 -8.56
CA ALA A 116 -0.78 -6.60 -8.70
C ALA A 116 -1.72 -6.45 -9.88
N CYS A 117 -1.60 -7.35 -10.85
CA CYS A 117 -2.30 -7.26 -12.12
C CYS A 117 -3.24 -8.43 -12.32
N TYR A 118 -4.32 -8.17 -13.04
CA TYR A 118 -5.28 -9.22 -13.39
C TYR A 118 -5.73 -9.00 -14.83
N ASP A 119 -5.79 -10.10 -15.58
CA ASP A 119 -6.20 -10.08 -17.00
C ASP A 119 -5.53 -8.95 -17.77
N GLY A 120 -4.23 -8.77 -17.52
CA GLY A 120 -3.45 -7.80 -18.27
C GLY A 120 -3.67 -6.35 -17.90
N ALA A 121 -4.28 -6.07 -16.73
CA ALA A 121 -4.52 -4.71 -16.30
C ALA A 121 -4.11 -4.53 -14.85
N ALA A 122 -3.47 -3.41 -14.55
CA ALA A 122 -3.08 -3.12 -13.18
C ALA A 122 -4.30 -3.07 -12.29
N ALA A 123 -4.27 -3.82 -11.20
CA ALA A 123 -5.37 -3.87 -10.24
C ALA A 123 -5.09 -3.17 -8.93
N GLY A 124 -3.85 -3.16 -8.48
CA GLY A 124 -3.52 -2.43 -7.27
C GLY A 124 -2.02 -2.46 -7.06
N VAL A 125 -1.58 -1.85 -5.97
CA VAL A 125 -0.16 -1.67 -5.74
C VAL A 125 0.09 -1.69 -4.23
N TYR A 126 1.13 -2.40 -3.83
CA TYR A 126 1.49 -2.43 -2.42
C TYR A 126 2.99 -2.69 -2.29
N GLY A 127 3.55 -2.25 -1.17
CA GLY A 127 4.93 -2.55 -0.89
C GLY A 127 5.10 -3.90 -0.25
N VAL A 128 6.23 -4.55 -0.56
CA VAL A 128 6.59 -5.83 0.03
C VAL A 128 8.05 -5.77 0.43
N ASN A 129 8.46 -6.80 1.17
CA ASN A 129 9.84 -6.99 1.60
C ASN A 129 10.22 -8.45 1.39
N MET A 130 11.36 -8.67 0.73
CA MET A 130 11.86 -10.02 0.47
C MET A 130 12.24 -10.70 1.79
N ARG A 131 11.55 -11.79 2.12
CA ARG A 131 11.82 -12.48 3.35
C ARG A 131 13.05 -13.36 3.19
N SER A 132 13.59 -13.82 4.33
CA SER A 132 14.85 -14.56 4.25
C SER A 132 14.71 -15.90 3.55
N ASN A 133 13.50 -16.46 3.50
CA ASN A 133 13.24 -17.63 2.68
C ASN A 133 12.86 -17.25 1.25
N TYR A 134 13.03 -15.98 0.87
CA TYR A 134 12.93 -15.58 -0.52
C TYR A 134 11.49 -15.62 -1.05
N THR A 135 10.52 -15.45 -0.16
CA THR A 135 9.13 -15.30 -0.51
C THR A 135 8.69 -13.91 -0.09
N ILE A 136 7.53 -13.48 -0.58
CA ILE A 136 6.98 -12.18 -0.19
C ILE A 136 5.57 -12.42 0.31
N ARG A 137 5.09 -11.48 1.11
CA ARG A 137 3.76 -11.57 1.71
C ARG A 137 2.85 -10.75 0.82
N GLY A 138 2.35 -11.38 -0.23
CA GLY A 138 1.53 -10.72 -1.20
C GLY A 138 0.07 -11.15 -1.10
N SER A 139 -0.68 -10.76 -2.11
CA SER A 139 -2.10 -11.00 -2.20
C SER A 139 -2.41 -11.28 -3.67
N PHE A 140 -1.98 -12.43 -4.14
CA PHE A 140 -2.16 -12.84 -5.52
C PHE A 140 -3.21 -13.94 -5.58
N ILE A 141 -4.13 -13.83 -6.54
CA ILE A 141 -5.08 -14.89 -6.85
C ILE A 141 -4.61 -15.56 -8.13
N ASN A 142 -5.32 -16.59 -8.56
CA ASN A 142 -5.01 -17.21 -9.84
C ASN A 142 -5.23 -16.21 -10.98
N GLY A 143 -4.28 -16.16 -11.91
CA GLY A 143 -4.27 -15.15 -12.94
C GLY A 143 -3.48 -13.90 -12.62
N ALA A 144 -2.82 -13.85 -11.46
CA ALA A 144 -1.96 -12.71 -11.14
C ALA A 144 -0.50 -12.96 -11.52
N ALA A 145 -0.16 -14.15 -12.01
CA ALA A 145 1.21 -14.42 -12.41
C ALA A 145 1.62 -13.45 -13.52
N GLY A 146 2.88 -13.03 -13.48
CA GLY A 146 3.36 -11.96 -14.34
C GLY A 146 3.27 -10.57 -13.73
N SER A 147 2.61 -10.41 -12.58
CA SER A 147 2.59 -9.12 -11.89
C SER A 147 4.02 -8.66 -11.61
N PRO A 148 4.40 -7.45 -12.00
CA PRO A 148 5.78 -7.02 -11.82
C PRO A 148 6.04 -6.42 -10.44
N GLY A 149 7.26 -6.65 -9.96
CA GLY A 149 7.80 -5.98 -8.81
C GLY A 149 8.86 -5.00 -9.30
N TYR A 150 9.00 -3.88 -8.59
CA TYR A 150 9.75 -2.77 -9.12
C TYR A 150 10.08 -1.79 -8.01
N ASN A 151 11.20 -1.07 -8.18
CA ASN A 151 11.50 0.14 -7.44
C ASN A 151 11.73 1.29 -8.41
N ILE A 152 11.62 2.52 -7.92
CA ILE A 152 11.88 3.71 -8.72
C ILE A 152 12.93 4.54 -7.99
N ASN A 153 14.06 4.80 -8.68
CA ASN A 153 15.14 5.64 -8.16
C ASN A 153 15.55 6.61 -9.24
N ASN A 154 15.28 7.90 -9.02
CA ASN A 154 15.77 8.97 -9.89
C ASN A 154 15.30 8.75 -11.34
N GLY A 155 13.99 8.59 -11.51
CA GLY A 155 13.41 8.40 -12.82
C GLY A 155 13.67 7.07 -13.50
N THR A 156 14.49 6.18 -12.92
CA THR A 156 14.70 4.86 -13.47
C THR A 156 13.82 3.84 -12.74
N VAL A 157 13.13 3.00 -13.49
CA VAL A 157 12.40 1.89 -12.91
C VAL A 157 13.31 0.68 -12.85
N GLU A 158 13.49 0.14 -11.65
CA GLU A 158 14.32 -1.04 -11.43
C GLU A 158 13.40 -2.24 -11.26
N PHE A 159 13.24 -3.04 -12.30
CA PHE A 159 12.40 -4.22 -12.24
C PHE A 159 13.13 -5.37 -11.56
N CYS A 160 12.46 -6.00 -10.59
CA CYS A 160 13.12 -7.02 -9.78
C CYS A 160 12.30 -8.29 -9.62
N TYR A 161 11.09 -8.36 -10.17
CA TYR A 161 10.18 -9.42 -9.79
C TYR A 161 9.07 -9.55 -10.82
N LEU A 162 8.77 -10.79 -11.21
CA LEU A 162 7.54 -11.13 -11.92
C LEU A 162 6.91 -12.28 -11.18
N HIS A 163 5.63 -12.13 -10.82
CA HIS A 163 5.04 -13.13 -9.95
C HIS A 163 4.91 -14.48 -10.66
N GLN A 164 5.17 -15.55 -9.93
CA GLN A 164 5.11 -16.88 -10.53
C GLN A 164 4.15 -17.78 -9.80
N LEU A 165 4.31 -17.94 -8.49
CA LEU A 165 3.53 -19.01 -7.87
C LEU A 165 3.34 -18.72 -6.39
N GLU A 166 2.48 -19.53 -5.80
CA GLU A 166 2.09 -19.45 -4.41
C GLU A 166 2.38 -20.80 -3.77
N LEU A 167 3.04 -20.78 -2.62
CA LEU A 167 3.22 -22.04 -1.90
C LEU A 167 2.67 -21.97 -0.49
N GLY A 168 1.84 -20.96 -0.21
CA GLY A 168 1.19 -20.81 1.08
C GLY A 168 0.47 -19.49 1.13
N SER A 169 -0.37 -19.35 2.17
CA SER A 169 -1.36 -18.28 2.19
C SER A 169 -0.73 -16.89 2.13
N GLY A 170 0.35 -16.67 2.87
CA GLY A 170 0.99 -15.38 2.70
C GLY A 170 2.35 -15.53 2.06
N CYS A 171 2.46 -16.45 1.10
CA CYS A 171 3.76 -16.99 0.66
C CYS A 171 3.85 -17.04 -0.86
N HIS A 172 4.49 -16.05 -1.45
CA HIS A 172 4.49 -15.87 -2.89
C HIS A 172 5.91 -15.77 -3.40
N VAL A 173 6.10 -16.29 -4.60
CA VAL A 173 7.40 -16.53 -5.17
C VAL A 173 7.41 -15.99 -6.59
N GLY A 174 8.45 -15.26 -6.93
CA GLY A 174 8.57 -14.85 -8.30
C GLY A 174 9.92 -15.17 -8.86
N SER A 175 10.15 -14.72 -10.08
CA SER A 175 11.46 -14.74 -10.67
C SER A 175 11.94 -13.30 -10.84
N ASP A 176 13.26 -13.12 -10.90
CA ASP A 176 13.72 -11.81 -11.32
C ASP A 176 13.59 -11.73 -12.83
N LEU A 177 14.00 -10.61 -13.41
CA LEU A 177 13.74 -10.45 -14.82
C LEU A 177 14.76 -11.19 -15.71
N ASP A 178 15.79 -11.80 -15.12
CA ASP A 178 16.60 -12.73 -15.88
C ASP A 178 16.00 -14.13 -15.98
N GLY A 179 14.88 -14.37 -15.30
CA GLY A 179 14.29 -15.71 -15.28
C GLY A 179 14.73 -16.63 -14.16
N VAL A 180 15.50 -16.14 -13.19
CA VAL A 180 15.96 -16.95 -12.07
C VAL A 180 14.87 -16.90 -11.00
N MET A 181 14.30 -18.04 -10.67
CA MET A 181 13.37 -18.10 -9.55
C MET A 181 14.05 -17.68 -8.24
N TYR A 182 13.39 -16.81 -7.47
CA TYR A 182 13.90 -16.47 -6.15
C TYR A 182 13.84 -17.70 -5.25
N GLY A 183 14.84 -17.84 -4.38
CA GLY A 183 14.88 -19.01 -3.50
C GLY A 183 15.07 -20.35 -4.20
N GLY A 184 15.30 -20.35 -5.51
CA GLY A 184 15.48 -21.61 -6.22
C GLY A 184 14.27 -22.53 -6.27
N TYR A 185 13.08 -22.08 -5.87
CA TYR A 185 11.91 -22.92 -6.06
C TYR A 185 11.71 -23.20 -7.55
N GLU A 186 10.93 -24.24 -7.86
CA GLU A 186 10.67 -24.68 -9.21
C GLU A 186 9.28 -24.22 -9.66
N ASP A 187 9.13 -23.97 -10.96
CA ASP A 187 7.81 -23.70 -11.51
C ASP A 187 7.14 -25.02 -11.92
N GLN A 188 6.96 -25.88 -10.93
CA GLN A 188 6.32 -27.15 -11.13
C GLN A 188 5.33 -27.40 -10.01
N PRO A 189 4.19 -28.05 -10.31
CA PRO A 189 3.17 -28.28 -9.28
C PRO A 189 3.58 -29.41 -8.35
N THR A 190 4.70 -29.28 -7.67
CA THR A 190 5.26 -30.36 -6.88
C THR A 190 5.22 -30.03 -5.39
N LEU A 191 5.63 -31.00 -4.59
CA LEU A 191 5.76 -30.82 -3.16
C LEU A 191 7.02 -30.02 -2.89
N GLN A 192 6.88 -28.69 -2.87
CA GLN A 192 7.90 -27.84 -2.28
C GLN A 192 7.26 -27.02 -1.18
N VAL A 193 8.00 -26.85 -0.09
CA VAL A 193 7.59 -26.07 1.05
C VAL A 193 8.62 -24.96 1.23
N GLU A 194 8.22 -23.89 1.90
CA GLU A 194 9.20 -22.84 2.07
C GLU A 194 10.18 -23.14 3.19
N GLY A 195 11.37 -22.57 3.08
CA GLY A 195 12.28 -22.59 4.20
C GLY A 195 11.75 -21.74 5.35
N ALA A 196 12.23 -22.06 6.56
CA ALA A 196 11.90 -21.21 7.69
C ALA A 196 12.37 -19.79 7.43
N SER A 197 11.63 -18.83 7.98
CA SER A 197 11.98 -17.42 7.85
C SER A 197 12.61 -16.92 9.14
N SER A 198 13.44 -15.89 9.03
CA SER A 198 14.02 -15.22 10.18
C SER A 198 13.78 -13.73 10.03
N LEU A 199 13.34 -13.08 11.11
CA LEU A 199 13.14 -11.64 11.10
C LEU A 199 14.47 -10.91 10.87
N PHE A 200 14.46 -9.96 9.95
CA PHE A 200 15.64 -9.15 9.65
C PHE A 200 15.84 -8.10 10.73
N THR A 201 16.78 -8.38 11.64
CA THR A 201 16.90 -7.55 12.84
C THR A 201 17.12 -6.09 12.49
N GLU A 202 17.91 -5.83 11.43
CA GLU A 202 18.13 -4.45 10.98
C GLU A 202 16.82 -3.76 10.66
N ASN A 203 15.89 -4.48 10.02
CA ASN A 203 14.60 -3.89 9.68
C ASN A 203 13.74 -3.68 10.93
N VAL A 204 13.75 -4.65 11.86
CA VAL A 204 13.00 -4.50 13.10
C VAL A 204 13.47 -3.26 13.85
N LEU A 205 14.79 -3.03 13.88
CA LEU A 205 15.34 -1.85 14.54
C LEU A 205 14.89 -0.58 13.85
N ALA A 206 14.79 -0.60 12.53
CA ALA A 206 14.26 0.57 11.82
C ALA A 206 12.83 0.82 12.25
N PHE A 207 12.03 -0.24 12.35
CA PHE A 207 10.66 -0.11 12.80
C PHE A 207 10.59 0.49 14.20
N LEU A 208 11.39 -0.04 15.13
CA LEU A 208 11.27 0.44 16.51
C LEU A 208 11.77 1.87 16.66
N TYR A 209 12.75 2.27 15.86
CA TYR A 209 13.13 3.68 15.85
C TYR A 209 11.98 4.55 15.41
N ALA A 210 11.31 4.17 14.31
CA ALA A 210 10.15 4.92 13.85
C ALA A 210 9.05 4.94 14.90
N ALA A 211 8.93 3.86 15.67
CA ALA A 211 7.97 3.86 16.76
C ALA A 211 8.31 4.94 17.79
N LEU A 212 9.59 5.06 18.15
CA LEU A 212 10.02 6.08 19.11
C LEU A 212 9.80 7.48 18.56
N ILE A 213 10.27 7.72 17.33
CA ILE A 213 10.05 8.97 16.63
C ILE A 213 8.58 9.39 16.68
N ASN A 214 7.67 8.42 16.62
CA ASN A 214 6.23 8.68 16.55
C ASN A 214 5.56 8.64 17.91
N GLY A 215 6.33 8.73 19.00
CA GLY A 215 5.75 8.86 20.32
C GLY A 215 5.33 7.59 21.01
N SER A 216 5.68 6.41 20.47
CA SER A 216 5.41 5.14 21.12
C SER A 216 6.68 4.71 21.83
N THR A 217 6.65 4.71 23.17
CA THR A 217 7.83 4.42 23.97
C THR A 217 7.58 3.45 25.11
N TRP A 218 6.33 3.03 25.36
CA TRP A 218 6.01 2.23 26.54
C TRP A 218 6.84 0.95 26.58
N TRP A 219 7.19 0.40 25.42
CA TRP A 219 7.87 -0.89 25.32
C TRP A 219 9.39 -0.79 25.51
N LEU A 220 9.93 0.40 25.67
CA LEU A 220 11.37 0.59 25.61
C LEU A 220 12.04 -0.01 26.85
N SER A 221 12.94 -0.96 26.64
CA SER A 221 13.62 -1.62 27.75
C SER A 221 14.51 -0.64 28.52
N SER A 222 14.50 -0.78 29.84
CA SER A 222 15.45 -0.12 30.72
C SER A 222 16.72 -0.95 30.94
N SER A 223 16.87 -2.08 30.23
CA SER A 223 18.09 -2.86 30.21
C SER A 223 18.79 -2.67 28.87
N ARG A 224 19.96 -3.31 28.76
CA ARG A 224 20.79 -3.23 27.56
C ARG A 224 21.47 -4.57 27.33
N ILE A 225 21.54 -4.98 26.06
CA ILE A 225 22.23 -6.20 25.68
C ILE A 225 23.25 -5.86 24.60
N ALA A 226 24.40 -6.54 24.64
CA ALA A 226 25.47 -6.32 23.70
C ALA A 226 25.14 -6.96 22.36
N VAL A 227 25.58 -6.31 21.27
CA VAL A 227 25.34 -6.84 19.94
C VAL A 227 25.78 -8.29 19.85
N ASP A 228 27.01 -8.58 20.29
CA ASP A 228 27.52 -9.95 20.30
C ASP A 228 26.59 -10.87 21.10
N ARG A 229 26.16 -10.42 22.28
CA ARG A 229 25.22 -11.19 23.09
C ARG A 229 23.91 -11.42 22.34
N PHE A 230 23.35 -10.36 21.76
CA PHE A 230 22.11 -10.49 21.01
C PHE A 230 22.25 -11.48 19.87
N ASN A 231 23.37 -11.40 19.14
CA ASN A 231 23.53 -12.25 17.96
C ASN A 231 23.54 -13.73 18.33
N GLU A 232 24.08 -14.08 19.50
CA GLU A 232 24.04 -15.46 19.94
C GLU A 232 22.62 -15.86 20.30
N TRP A 233 21.85 -14.93 20.87
CA TRP A 233 20.43 -15.18 21.13
C TRP A 233 19.63 -15.28 19.82
N ALA A 234 19.99 -14.50 18.81
CA ALA A 234 19.15 -14.38 17.61
C ALA A 234 19.11 -15.69 16.83
N VAL A 235 20.27 -16.32 16.60
CA VAL A 235 20.33 -17.50 15.75
C VAL A 235 19.48 -18.63 16.28
N HIS A 236 19.04 -18.55 17.54
CA HIS A 236 18.21 -19.56 18.14
C HIS A 236 16.75 -19.15 18.29
N ASN A 237 16.40 -17.90 17.98
CA ASN A 237 15.03 -17.42 18.13
C ASN A 237 14.52 -16.75 16.86
N GLY A 238 14.92 -17.25 15.69
CA GLY A 238 14.31 -16.81 14.46
C GLY A 238 14.61 -15.39 14.05
N MET A 239 15.82 -14.91 14.33
CA MET A 239 16.21 -13.56 13.94
C MET A 239 17.61 -13.56 13.35
N THR A 240 17.85 -12.64 12.41
CA THR A 240 19.17 -12.47 11.83
C THR A 240 20.06 -11.74 12.80
N THR A 241 21.36 -12.04 12.73
CA THR A 241 22.33 -11.24 13.45
C THR A 241 22.37 -9.83 12.87
N VAL A 242 22.78 -8.89 13.69
CA VAL A 242 23.05 -7.53 13.21
C VAL A 242 24.56 -7.40 13.03
N VAL A 243 24.96 -6.97 11.85
CA VAL A 243 26.38 -6.92 11.46
C VAL A 243 26.96 -5.51 11.61
N ASN A 244 26.31 -4.51 11.01
CA ASN A 244 26.77 -3.13 11.05
C ASN A 244 25.79 -2.30 11.88
N THR A 245 26.23 -1.92 13.09
CA THR A 245 25.47 -0.98 13.89
C THR A 245 25.59 0.46 13.37
N ASP A 246 26.34 0.64 12.27
CA ASP A 246 26.76 1.99 11.86
C ASP A 246 25.58 2.82 11.36
N CYS A 247 24.62 2.19 10.68
CA CYS A 247 23.54 2.93 10.05
C CYS A 247 22.51 3.47 11.03
N PHE A 248 22.59 3.14 12.32
CA PHE A 248 21.63 3.64 13.29
C PHE A 248 22.17 4.81 14.10
N SER A 249 23.41 5.23 13.85
CA SER A 249 23.95 6.44 14.43
C SER A 249 22.98 7.61 14.24
N ILE A 250 22.48 7.77 13.01
CA ILE A 250 21.57 8.86 12.69
C ILE A 250 20.27 8.76 13.49
N PHE A 251 19.81 7.56 13.83
CA PHE A 251 18.51 7.40 14.54
C PHE A 251 18.72 7.60 16.03
N ALA A 252 19.85 7.16 16.56
CA ALA A 252 20.09 7.22 18.02
C ALA A 252 20.36 8.65 18.47
N ALA A 253 20.32 9.61 17.55
CA ALA A 253 20.44 11.04 17.92
C ALA A 253 19.03 11.58 18.15
N LYS A 254 18.15 11.40 17.16
CA LYS A 254 16.78 11.94 17.25
C LYS A 254 16.10 11.40 18.50
N THR A 255 16.52 10.24 18.96
CA THR A 255 15.97 9.68 20.18
C THR A 255 17.16 9.53 21.08
N GLY A 256 16.97 9.40 22.38
CA GLY A 256 18.16 9.17 23.19
C GLY A 256 18.29 7.70 23.43
N VAL A 257 18.06 6.90 22.37
CA VAL A 257 18.04 5.43 22.57
C VAL A 257 19.13 4.79 21.73
N ASP A 258 19.93 3.95 22.38
CA ASP A 258 21.05 3.26 21.70
C ASP A 258 20.54 1.93 21.15
N VAL A 259 21.24 1.40 20.17
CA VAL A 259 20.90 0.10 19.61
C VAL A 259 20.75 -0.95 20.70
N GLN A 260 21.69 -0.98 21.65
CA GLN A 260 21.68 -2.02 22.68
C GLN A 260 20.44 -1.94 23.55
N ARG A 261 19.85 -0.76 23.66
CA ARG A 261 18.58 -0.62 24.38
C ARG A 261 17.44 -1.22 23.57
N LEU A 262 17.37 -0.89 22.28
CA LEU A 262 16.36 -1.50 21.41
C LEU A 262 16.54 -3.01 21.35
N LEU A 263 17.79 -3.48 21.33
CA LEU A 263 18.04 -4.92 21.23
C LEU A 263 17.55 -5.66 22.47
N ALA A 264 17.66 -5.07 23.66
CA ALA A 264 17.00 -5.64 24.81
C ALA A 264 15.47 -5.57 24.66
N SER A 265 14.95 -4.46 24.12
CA SER A 265 13.51 -4.36 23.89
C SER A 265 13.04 -5.45 22.92
N ILE A 266 13.83 -5.73 21.88
CA ILE A 266 13.46 -6.75 20.91
C ILE A 266 13.24 -8.09 21.59
N GLN A 267 14.13 -8.46 22.53
CA GLN A 267 14.05 -9.78 23.15
C GLN A 267 12.75 -9.97 23.91
N SER A 268 12.31 -8.94 24.64
CA SER A 268 11.03 -9.05 25.32
C SER A 268 9.86 -8.92 24.34
N LEU A 269 9.95 -7.99 23.39
CA LEU A 269 8.86 -7.86 22.43
C LEU A 269 8.72 -9.10 21.56
N HIS A 270 9.84 -9.79 21.31
CA HIS A 270 9.78 -11.06 20.60
C HIS A 270 8.84 -12.01 21.32
N LYS A 271 7.91 -12.58 20.57
CA LYS A 271 6.83 -13.39 21.12
C LYS A 271 6.00 -12.68 22.21
N ASN A 272 6.08 -11.35 22.36
CA ASN A 272 5.10 -10.67 23.22
C ASN A 272 5.03 -9.14 23.17
N PHE A 273 3.88 -8.58 22.79
CA PHE A 273 3.61 -7.15 22.95
C PHE A 273 2.71 -6.86 24.16
N GLY A 274 2.40 -7.86 24.99
CA GLY A 274 1.74 -7.59 26.27
C GLY A 274 0.34 -7.01 26.21
N GLY A 275 -0.44 -7.34 25.18
CA GLY A 275 -1.79 -6.83 25.02
C GLY A 275 -1.88 -5.51 24.33
N LYS A 276 -0.75 -4.85 24.08
CA LYS A 276 -0.74 -3.54 23.47
C LYS A 276 -0.32 -3.64 22.02
N GLN A 277 -0.19 -2.48 21.37
CA GLN A 277 0.23 -2.41 19.99
C GLN A 277 1.30 -1.35 19.84
N ILE A 278 2.03 -1.42 18.74
CA ILE A 278 3.05 -0.44 18.40
C ILE A 278 2.78 0.00 16.96
N LEU A 279 2.31 1.24 16.79
CA LEU A 279 1.95 1.77 15.46
C LEU A 279 1.00 0.81 14.74
N GLY A 280 0.05 0.25 15.48
CA GLY A 280 -0.92 -0.68 14.96
C GLY A 280 -0.49 -2.14 14.98
N TYR A 281 0.79 -2.42 15.14
CA TYR A 281 1.29 -3.79 15.08
C TYR A 281 1.22 -4.44 16.44
N THR A 282 0.94 -5.75 16.46
CA THR A 282 0.99 -6.52 17.68
C THR A 282 2.08 -7.59 17.61
N SER A 283 2.98 -7.48 16.64
CA SER A 283 4.05 -8.45 16.42
C SER A 283 5.17 -7.73 15.69
N LEU A 284 6.41 -8.15 15.96
CA LEU A 284 7.56 -7.50 15.35
C LEU A 284 7.50 -7.65 13.83
N THR A 285 7.67 -6.53 13.13
CA THR A 285 7.67 -6.56 11.67
C THR A 285 9.06 -6.21 11.14
N ASP A 286 9.49 -6.95 10.13
CA ASP A 286 10.72 -6.62 9.41
C ASP A 286 10.44 -6.12 7.99
N GLU A 287 9.28 -5.48 7.78
CA GLU A 287 8.96 -4.98 6.44
C GLU A 287 9.55 -3.61 6.15
N PHE A 288 10.06 -2.89 7.14
CA PHE A 288 10.58 -1.54 6.91
C PHE A 288 12.10 -1.54 6.96
N THR A 289 12.73 -1.03 5.91
CA THR A 289 14.16 -0.80 5.98
C THR A 289 14.44 0.57 6.56
N THR A 290 15.67 0.76 7.03
CA THR A 290 16.11 2.07 7.49
C THR A 290 15.89 3.13 6.43
N GLY A 291 16.18 2.81 5.16
CA GLY A 291 15.90 3.73 4.08
C GLY A 291 14.44 4.13 4.02
N GLU A 292 13.53 3.15 3.97
CA GLU A 292 12.10 3.46 3.95
C GLU A 292 11.72 4.38 5.08
N VAL A 293 12.20 4.08 6.28
CA VAL A 293 11.79 4.82 7.46
C VAL A 293 12.30 6.26 7.41
N ILE A 294 13.57 6.46 7.01
CA ILE A 294 14.12 7.81 6.90
C ILE A 294 13.34 8.63 5.87
N ARG A 295 13.15 8.06 4.68
CA ARG A 295 12.32 8.71 3.65
C ARG A 295 10.96 9.15 4.22
N GLN A 296 10.33 8.32 5.04
CA GLN A 296 8.99 8.63 5.52
C GLN A 296 9.00 9.67 6.64
N MET A 297 9.99 9.65 7.53
CA MET A 297 9.96 10.61 8.62
C MET A 297 10.58 11.94 8.25
N TYR A 298 11.39 12.00 7.20
CA TYR A 298 12.22 13.20 6.98
C TYR A 298 12.33 13.63 5.53
N GLY A 299 12.02 12.79 4.55
CA GLY A 299 12.23 13.12 3.16
C GLY A 299 13.65 13.03 2.67
N VAL A 300 14.60 12.62 3.52
CA VAL A 300 16.02 12.55 3.13
C VAL A 300 16.38 11.18 2.60
N ALA B 2 -4.47 -16.62 -2.49
CA ALA B 2 -4.52 -16.64 -1.03
C ALA B 2 -3.66 -15.50 -0.44
N GLY B 3 -4.15 -14.87 0.62
CA GLY B 3 -3.53 -13.68 1.18
C GLY B 3 -4.42 -12.46 1.06
N LEU B 4 -4.07 -11.42 1.82
CA LEU B 4 -4.85 -10.16 1.83
C LEU B 4 -3.86 -9.03 2.13
N ARG B 5 -3.94 -7.96 1.35
CA ARG B 5 -3.03 -6.83 1.57
C ARG B 5 -3.80 -5.52 1.48
N LYS B 6 -3.56 -4.60 2.41
CA LYS B 6 -4.14 -3.26 2.25
C LYS B 6 -3.50 -2.71 0.96
N MET B 7 -4.26 -2.72 -0.12
CA MET B 7 -3.66 -2.33 -1.40
C MET B 7 -4.12 -0.91 -1.75
N ALA B 8 -3.44 -0.32 -2.69
CA ALA B 8 -3.90 0.98 -3.19
C ALA B 8 -4.29 0.75 -4.64
N GLN B 9 -5.38 1.35 -5.07
CA GLN B 9 -5.74 1.28 -6.51
C GLN B 9 -4.66 2.01 -7.31
N PRO B 10 -4.35 1.59 -8.55
CA PRO B 10 -3.26 2.21 -9.31
C PRO B 10 -3.37 3.73 -9.41
N SER B 11 -2.24 4.43 -9.34
CA SER B 11 -2.23 5.88 -9.18
C SER B 11 -2.02 6.64 -10.48
N GLY B 12 -1.78 5.95 -11.60
CA GLY B 12 -1.35 6.63 -12.81
C GLY B 12 -2.30 7.71 -13.29
N VAL B 13 -3.62 7.42 -13.30
CA VAL B 13 -4.59 8.42 -13.77
C VAL B 13 -4.54 9.67 -12.89
N VAL B 14 -4.29 9.51 -11.60
CA VAL B 14 -4.25 10.66 -10.68
C VAL B 14 -2.92 11.40 -10.77
N GLU B 15 -1.82 10.67 -11.08
CA GLU B 15 -0.50 11.29 -11.09
C GLU B 15 -0.43 12.49 -12.03
N LYS B 16 -1.06 12.41 -13.20
CA LYS B 16 -1.01 13.49 -14.18
C LYS B 16 -1.78 14.74 -13.75
N CYS B 17 -2.51 14.73 -12.64
CA CYS B 17 -3.28 15.88 -12.23
C CYS B 17 -2.65 16.65 -11.08
N ILE B 18 -1.48 16.26 -10.64
CA ILE B 18 -0.80 16.92 -9.52
C ILE B 18 0.02 18.07 -10.08
N VAL B 19 -0.12 19.24 -9.45
CA VAL B 19 0.67 20.40 -9.79
C VAL B 19 1.30 20.93 -8.51
N ARG B 20 2.36 21.71 -8.69
CA ARG B 20 3.00 22.42 -7.60
C ARG B 20 2.37 23.80 -7.49
N VAL B 21 1.97 24.19 -6.28
CA VAL B 21 1.38 25.51 -6.04
C VAL B 21 2.25 26.23 -5.03
N CYS B 22 2.82 27.38 -5.43
CA CYS B 22 3.60 28.22 -4.53
C CYS B 22 2.99 29.61 -4.42
N TYR B 23 3.05 30.15 -3.20
CA TYR B 23 2.65 31.53 -2.92
C TYR B 23 3.49 32.00 -1.74
N GLY B 24 4.23 33.10 -1.93
CA GLY B 24 5.20 33.48 -0.92
C GLY B 24 6.21 32.38 -0.67
N ASN B 25 6.52 32.15 0.61
CA ASN B 25 7.41 31.08 1.04
C ASN B 25 6.65 29.80 1.39
N MET B 26 5.49 29.62 0.80
CA MET B 26 4.62 28.48 1.01
C MET B 26 4.51 27.72 -0.30
N ALA B 27 4.60 26.41 -0.24
CA ALA B 27 4.49 25.61 -1.44
C ALA B 27 3.79 24.30 -1.07
N LEU B 28 2.81 23.89 -1.86
CA LEU B 28 2.14 22.64 -1.55
C LEU B 28 1.58 22.07 -2.84
N ASN B 29 0.69 21.11 -2.72
CA ASN B 29 0.23 20.38 -3.88
C ASN B 29 -1.14 20.84 -4.29
N GLY B 30 -1.37 20.85 -5.60
CA GLY B 30 -2.67 21.14 -6.13
C GLY B 30 -3.13 20.03 -7.06
N LEU B 31 -4.43 20.03 -7.30
CA LEU B 31 -5.10 19.07 -8.17
C LEU B 31 -5.60 19.84 -9.38
N TRP B 32 -5.11 19.49 -10.55
CA TRP B 32 -5.39 20.23 -11.77
C TRP B 32 -6.36 19.41 -12.61
N LEU B 33 -7.60 19.89 -12.72
CA LEU B 33 -8.63 19.22 -13.50
C LEU B 33 -9.29 20.26 -14.37
N GLY B 34 -9.46 19.94 -15.65
CA GLY B 34 -9.86 20.94 -16.62
C GLY B 34 -8.97 22.16 -16.57
N ASP B 35 -9.56 23.33 -16.35
CA ASP B 35 -8.79 24.56 -16.26
C ASP B 35 -8.77 25.13 -14.84
N THR B 36 -8.98 24.29 -13.83
CA THR B 36 -8.99 24.73 -12.45
C THR B 36 -7.97 23.91 -11.66
N VAL B 37 -7.23 24.60 -10.80
CA VAL B 37 -6.40 23.96 -9.78
C VAL B 37 -7.06 24.14 -8.43
N MET B 38 -7.26 23.04 -7.72
CA MET B 38 -7.69 23.07 -6.32
C MET B 38 -6.50 22.80 -5.42
N CYS B 39 -6.45 23.50 -4.30
CA CYS B 39 -5.36 23.32 -3.34
C CYS B 39 -5.78 23.93 -2.02
N PRO B 40 -5.19 23.48 -0.90
CA PRO B 40 -5.56 24.04 0.41
C PRO B 40 -5.36 25.55 0.44
N ARG B 41 -6.26 26.23 1.15
CA ARG B 41 -6.15 27.69 1.15
C ARG B 41 -5.03 28.19 2.06
N HIS B 42 -4.48 27.35 2.93
CA HIS B 42 -3.43 27.96 3.72
C HIS B 42 -2.17 28.14 2.95
N VAL B 43 -2.14 27.89 1.63
CA VAL B 43 -0.96 28.28 0.87
C VAL B 43 -0.81 29.80 0.82
N ILE B 44 -1.88 30.56 1.04
CA ILE B 44 -1.79 32.02 1.08
C ILE B 44 -1.64 32.56 2.48
N ALA B 45 -1.52 31.68 3.49
CA ALA B 45 -1.40 32.11 4.88
C ALA B 45 -0.01 32.63 5.18
N SER B 46 0.03 33.63 6.07
CA SER B 46 1.31 34.25 6.50
C SER B 46 1.80 33.57 7.76
N SER B 47 1.18 33.90 8.89
CA SER B 47 1.54 33.30 10.16
C SER B 47 1.10 31.85 10.22
N THR B 48 1.87 31.04 10.93
CA THR B 48 1.57 29.62 11.13
C THR B 48 1.44 29.28 12.61
N THR B 49 1.12 30.26 13.45
CA THR B 49 0.83 30.03 14.87
C THR B 49 -0.35 30.83 15.39
N SER B 50 -0.77 31.90 14.71
CA SER B 50 -1.92 32.69 15.09
C SER B 50 -3.04 32.49 14.08
N THR B 51 -4.26 32.77 14.51
CA THR B 51 -5.42 32.63 13.64
C THR B 51 -5.20 33.42 12.34
N ILE B 52 -5.69 32.85 11.24
CA ILE B 52 -5.50 33.42 9.91
C ILE B 52 -6.84 33.96 9.43
N ASP B 53 -6.86 35.22 9.00
CA ASP B 53 -8.00 35.80 8.28
C ASP B 53 -7.81 35.50 6.79
N TYR B 54 -8.37 34.37 6.34
CA TYR B 54 -8.19 33.97 4.95
C TYR B 54 -8.87 34.93 4.00
N ASP B 55 -9.95 35.56 4.43
CA ASP B 55 -10.67 36.50 3.57
C ASP B 55 -9.83 37.74 3.29
N TYR B 56 -9.16 38.27 4.33
CA TYR B 56 -8.24 39.36 4.10
C TYR B 56 -7.11 38.90 3.17
N ALA B 57 -6.54 37.74 3.42
CA ALA B 57 -5.47 37.22 2.54
C ALA B 57 -5.91 37.21 1.06
N LEU B 58 -7.14 36.80 0.77
CA LEU B 58 -7.64 36.77 -0.63
C LEU B 58 -7.84 38.20 -1.14
N SER B 59 -8.31 39.10 -0.28
CA SER B 59 -8.54 40.52 -0.66
C SER B 59 -7.26 41.20 -1.17
N VAL B 60 -6.09 40.80 -0.69
CA VAL B 60 -4.82 41.48 -1.06
C VAL B 60 -3.97 40.60 -1.99
N LEU B 61 -4.46 39.40 -2.32
CA LEU B 61 -3.72 38.45 -3.19
C LEU B 61 -3.38 39.07 -4.56
N ARG B 62 -2.16 38.86 -5.01
CA ARG B 62 -1.78 39.25 -6.38
C ARG B 62 -1.66 37.93 -7.16
N LEU B 63 -2.36 37.79 -8.26
CA LEU B 63 -2.37 36.52 -9.02
C LEU B 63 -0.95 36.15 -9.46
N HIS B 64 -0.12 37.14 -9.79
CA HIS B 64 1.28 36.92 -10.28
C HIS B 64 2.16 36.35 -9.17
N ASN B 65 1.73 36.49 -7.92
CA ASN B 65 2.47 35.90 -6.79
C ASN B 65 2.26 34.39 -6.79
N PHE B 66 1.26 33.89 -7.52
CA PHE B 66 1.11 32.45 -7.63
C PHE B 66 2.10 31.90 -8.63
N SER B 67 2.70 30.77 -8.27
CA SER B 67 3.54 30.04 -9.21
C SER B 67 3.03 28.60 -9.24
N ILE B 68 2.41 28.23 -10.36
CA ILE B 68 1.78 26.92 -10.51
C ILE B 68 2.45 26.17 -11.65
N SER B 69 2.89 24.94 -11.38
CA SER B 69 3.65 24.20 -12.37
C SER B 69 3.22 22.74 -12.40
N SER B 70 3.09 22.20 -13.60
CA SER B 70 2.95 20.76 -13.85
C SER B 70 4.25 20.27 -14.47
N GLY B 71 5.03 19.52 -13.70
CA GLY B 71 6.36 19.18 -14.18
C GLY B 71 7.14 20.48 -14.33
N ASN B 72 7.79 20.66 -15.46
CA ASN B 72 8.59 21.86 -15.72
C ASN B 72 7.78 22.99 -16.34
N VAL B 73 6.47 22.83 -16.48
CA VAL B 73 5.61 23.73 -17.24
C VAL B 73 4.80 24.55 -16.25
N PHE B 74 4.94 25.88 -16.31
CA PHE B 74 4.18 26.77 -15.43
C PHE B 74 2.92 27.26 -16.14
N LEU B 75 1.84 27.43 -15.38
CA LEU B 75 0.56 27.86 -15.91
C LEU B 75 0.22 29.27 -15.47
N GLY B 76 -0.46 30.00 -16.34
CA GLY B 76 -0.86 31.36 -16.03
C GLY B 76 -2.13 31.38 -15.21
N VAL B 77 -2.14 32.21 -14.19
CA VAL B 77 -3.25 32.22 -13.24
C VAL B 77 -4.27 33.27 -13.68
N VAL B 78 -5.49 32.83 -13.95
CA VAL B 78 -6.57 33.71 -14.43
C VAL B 78 -7.38 34.28 -13.27
N GLY B 79 -7.65 33.49 -12.24
CA GLY B 79 -8.46 33.95 -11.13
C GLY B 79 -8.39 32.97 -9.98
N VAL B 80 -8.80 33.46 -8.82
CA VAL B 80 -8.86 32.70 -7.57
C VAL B 80 -10.20 32.94 -6.92
N THR B 81 -10.77 31.90 -6.35
CA THR B 81 -11.97 32.05 -5.56
C THR B 81 -11.90 31.10 -4.37
N MET B 82 -12.48 31.53 -3.28
CA MET B 82 -12.45 30.74 -2.07
C MET B 82 -13.47 29.60 -2.18
N ARG B 83 -13.12 28.41 -1.67
CA ARG B 83 -14.06 27.27 -1.71
C ARG B 83 -13.94 26.50 -0.39
N GLY B 84 -14.56 27.03 0.67
CA GLY B 84 -14.38 26.42 1.98
C GLY B 84 -12.92 26.49 2.41
N ALA B 85 -12.36 25.34 2.78
CA ALA B 85 -10.94 25.28 3.13
C ALA B 85 -10.02 25.12 1.92
N LEU B 86 -10.53 25.32 0.70
CA LEU B 86 -9.70 25.22 -0.50
C LEU B 86 -9.72 26.54 -1.24
N LEU B 87 -8.81 26.67 -2.18
CA LEU B 87 -8.89 27.69 -3.20
C LEU B 87 -9.20 27.00 -4.51
N GLN B 88 -10.06 27.61 -5.30
CA GLN B 88 -10.28 27.21 -6.68
C GLN B 88 -9.53 28.20 -7.55
N ILE B 89 -8.48 27.74 -8.21
CA ILE B 89 -7.62 28.61 -9.00
C ILE B 89 -7.88 28.31 -10.47
N LYS B 90 -8.42 29.31 -11.16
CA LYS B 90 -8.61 29.24 -12.60
C LYS B 90 -7.25 29.40 -13.29
N VAL B 91 -6.91 28.51 -14.22
CA VAL B 91 -5.65 28.64 -14.92
C VAL B 91 -5.93 28.72 -16.40
N ASN B 92 -4.95 29.21 -17.16
CA ASN B 92 -5.17 29.54 -18.57
C ASN B 92 -4.95 28.37 -19.51
N GLN B 93 -4.90 27.15 -18.98
CA GLN B 93 -4.65 26.00 -19.84
C GLN B 93 -5.41 24.80 -19.29
N ASN B 94 -5.97 24.01 -20.20
CA ASN B 94 -6.63 22.77 -19.84
C ASN B 94 -5.62 21.65 -19.58
N ASN B 95 -5.90 20.84 -18.56
CA ASN B 95 -5.15 19.61 -18.41
C ASN B 95 -5.73 18.58 -19.38
N VAL B 96 -4.97 18.27 -20.43
CA VAL B 96 -5.44 17.34 -21.44
C VAL B 96 -5.52 15.91 -20.92
N HIS B 97 -4.93 15.64 -19.76
CA HIS B 97 -4.99 14.33 -19.14
C HIS B 97 -6.01 14.26 -18.04
N THR B 98 -6.92 15.23 -17.97
CA THR B 98 -7.99 15.18 -16.99
C THR B 98 -8.74 13.86 -17.15
N PRO B 99 -8.74 12.99 -16.15
CA PRO B 99 -9.57 11.80 -16.22
C PRO B 99 -11.04 12.17 -16.11
N LYS B 100 -11.89 11.18 -16.43
CA LYS B 100 -13.28 11.29 -16.04
C LYS B 100 -13.36 11.19 -14.53
N TYR B 101 -14.11 12.10 -13.90
CA TYR B 101 -14.04 12.16 -12.46
C TYR B 101 -15.34 12.69 -11.87
N THR B 102 -15.50 12.41 -10.59
CA THR B 102 -16.55 12.99 -9.76
C THR B 102 -15.94 13.35 -8.41
N TYR B 103 -16.69 14.13 -7.64
CA TYR B 103 -16.37 14.39 -6.24
C TYR B 103 -17.31 13.55 -5.39
N ARG B 104 -16.78 12.96 -4.31
CA ARG B 104 -17.64 12.30 -3.36
C ARG B 104 -17.07 12.44 -1.96
N THR B 105 -17.91 12.79 -1.00
CA THR B 105 -17.49 12.84 0.39
C THR B 105 -17.56 11.43 0.98
N VAL B 106 -16.52 11.02 1.69
CA VAL B 106 -16.55 9.70 2.30
C VAL B 106 -17.08 9.85 3.73
N ARG B 107 -17.55 8.74 4.27
CA ARG B 107 -18.02 8.69 5.64
C ARG B 107 -17.09 7.81 6.48
N PRO B 108 -17.17 7.90 7.80
CA PRO B 108 -16.33 7.05 8.64
C PRO B 108 -16.49 5.58 8.27
N GLY B 109 -15.37 4.85 8.28
CA GLY B 109 -15.36 3.44 7.98
C GLY B 109 -15.12 3.09 6.53
N GLU B 110 -15.14 4.07 5.64
CA GLU B 110 -14.92 3.83 4.22
C GLU B 110 -13.44 3.91 3.89
N SER B 111 -13.05 3.15 2.89
CA SER B 111 -11.67 3.12 2.44
C SER B 111 -11.48 4.02 1.22
N PHE B 112 -10.28 4.58 1.11
CA PHE B 112 -9.88 5.24 -0.13
C PHE B 112 -8.36 5.24 -0.21
N ASN B 113 -7.85 5.77 -1.31
CA ASN B 113 -6.43 5.75 -1.65
C ASN B 113 -5.81 7.13 -1.46
N ILE B 114 -4.65 7.20 -0.82
CA ILE B 114 -3.90 8.44 -0.69
C ILE B 114 -2.73 8.43 -1.66
N LEU B 115 -2.64 9.45 -2.49
CA LEU B 115 -1.46 9.72 -3.28
C LEU B 115 -0.71 10.82 -2.54
N ALA B 116 0.32 10.44 -1.79
CA ALA B 116 1.11 11.41 -1.03
C ALA B 116 2.02 12.14 -2.00
N CYS B 117 1.90 13.47 -2.04
CA CYS B 117 2.64 14.31 -2.96
C CYS B 117 3.46 15.36 -2.22
N TYR B 118 4.60 15.72 -2.83
CA TYR B 118 5.52 16.73 -2.34
C TYR B 118 6.01 17.54 -3.53
N ASP B 119 5.94 18.86 -3.43
CA ASP B 119 6.43 19.75 -4.50
C ASP B 119 5.79 19.41 -5.85
N GLY B 120 4.52 19.07 -5.83
CA GLY B 120 3.80 18.82 -7.06
C GLY B 120 4.08 17.49 -7.70
N ALA B 121 4.69 16.55 -6.96
CA ALA B 121 5.03 15.26 -7.52
C ALA B 121 4.60 14.16 -6.56
N ALA B 122 4.02 13.11 -7.13
CA ALA B 122 3.64 11.92 -6.37
C ALA B 122 4.88 11.23 -5.82
N ALA B 123 4.87 10.93 -4.52
CA ALA B 123 5.97 10.23 -3.90
C ALA B 123 5.60 8.85 -3.37
N GLY B 124 4.35 8.61 -3.05
CA GLY B 124 3.96 7.28 -2.64
C GLY B 124 2.46 7.17 -2.67
N VAL B 125 1.97 5.94 -2.53
CA VAL B 125 0.55 5.67 -2.60
C VAL B 125 0.22 4.57 -1.60
N TYR B 126 -0.89 4.72 -0.89
CA TYR B 126 -1.31 3.71 0.08
C TYR B 126 -2.81 3.88 0.35
N GLY B 127 -3.38 2.84 0.93
CA GLY B 127 -4.80 2.82 1.23
C GLY B 127 -5.01 3.24 2.68
N VAL B 128 -6.10 3.97 2.92
CA VAL B 128 -6.49 4.38 4.25
C VAL B 128 -7.95 4.03 4.49
N ASN B 129 -8.39 4.24 5.71
CA ASN B 129 -9.78 4.03 6.09
C ASN B 129 -10.17 5.14 7.04
N MET B 130 -11.23 5.88 6.70
CA MET B 130 -11.66 7.01 7.51
C MET B 130 -12.08 6.54 8.91
N ARG B 131 -11.37 7.00 9.94
CA ARG B 131 -11.64 6.63 11.32
C ARG B 131 -12.89 7.33 11.84
N SER B 132 -13.42 6.83 12.96
CA SER B 132 -14.69 7.33 13.48
C SER B 132 -14.62 8.79 13.92
N ASN B 133 -13.45 9.30 14.26
CA ASN B 133 -13.28 10.72 14.51
C ASN B 133 -12.86 11.49 13.26
N TYR B 134 -13.11 10.95 12.08
CA TYR B 134 -12.85 11.64 10.80
C TYR B 134 -11.37 12.00 10.58
N THR B 135 -10.44 11.25 11.18
CA THR B 135 -9.04 11.31 10.78
C THR B 135 -8.65 10.04 10.05
N ILE B 136 -7.53 10.10 9.33
CA ILE B 136 -6.99 8.90 8.69
C ILE B 136 -5.62 8.64 9.28
N ARG B 137 -5.28 7.35 9.38
CA ARG B 137 -3.99 6.90 9.91
C ARG B 137 -3.00 6.94 8.74
N GLY B 138 -2.47 8.13 8.50
CA GLY B 138 -1.67 8.40 7.32
C GLY B 138 -0.17 8.41 7.60
N SER B 139 0.57 8.85 6.57
CA SER B 139 2.00 9.11 6.66
C SER B 139 2.25 10.32 5.77
N PHE B 140 2.42 11.48 6.42
CA PHE B 140 2.57 12.79 5.79
C PHE B 140 3.62 13.58 6.57
N ILE B 141 4.51 14.27 5.85
CA ILE B 141 5.37 15.22 6.52
C ILE B 141 5.12 16.59 5.90
N ASN B 142 5.82 17.61 6.40
CA ASN B 142 5.49 18.96 5.94
C ASN B 142 5.68 19.07 4.44
N GLY B 143 4.69 19.67 3.78
CA GLY B 143 4.67 19.75 2.33
C GLY B 143 3.63 18.88 1.68
N ALA B 144 3.01 17.96 2.43
CA ALA B 144 2.06 17.02 1.83
C ALA B 144 0.68 17.62 1.56
N ALA B 145 0.38 18.80 2.11
CA ALA B 145 -0.93 19.40 1.94
C ALA B 145 -1.27 19.48 0.46
N GLY B 146 -2.54 19.21 0.14
CA GLY B 146 -3.00 19.05 -1.22
C GLY B 146 -2.90 17.65 -1.79
N SER B 147 -2.30 16.69 -1.08
CA SER B 147 -2.27 15.31 -1.55
C SER B 147 -3.69 14.79 -1.70
N PRO B 148 -4.05 14.26 -2.87
CA PRO B 148 -5.43 13.80 -3.08
C PRO B 148 -5.67 12.41 -2.54
N GLY B 149 -6.88 12.23 -1.99
CA GLY B 149 -7.44 10.92 -1.75
C GLY B 149 -8.46 10.62 -2.83
N TYR B 150 -8.62 9.33 -3.14
CA TYR B 150 -9.44 9.00 -4.30
C TYR B 150 -9.83 7.53 -4.24
N ASN B 151 -10.82 7.20 -5.05
CA ASN B 151 -11.26 5.81 -5.28
C ASN B 151 -11.49 5.72 -6.79
N ILE B 152 -11.26 4.56 -7.38
CA ILE B 152 -11.52 4.37 -8.83
C ILE B 152 -12.72 3.42 -8.96
N ASN B 153 -13.76 3.89 -9.63
CA ASN B 153 -14.99 3.07 -9.79
C ASN B 153 -15.45 3.16 -11.25
N ASN B 154 -15.27 2.08 -12.02
CA ASN B 154 -15.75 2.04 -13.42
C ASN B 154 -15.09 3.10 -14.29
N GLY B 155 -13.76 3.18 -14.29
CA GLY B 155 -13.05 4.15 -15.15
C GLY B 155 -13.18 5.58 -14.65
N THR B 156 -13.96 5.80 -13.59
CA THR B 156 -14.18 7.13 -13.05
C THR B 156 -13.36 7.33 -11.78
N VAL B 157 -12.55 8.39 -11.75
CA VAL B 157 -11.85 8.76 -10.53
C VAL B 157 -12.80 9.52 -9.62
N GLU B 158 -12.92 9.08 -8.40
CA GLU B 158 -13.80 9.68 -7.41
C GLU B 158 -12.94 10.36 -6.36
N PHE B 159 -12.79 11.68 -6.47
CA PHE B 159 -11.94 12.41 -5.54
C PHE B 159 -12.69 12.69 -4.25
N CYS B 160 -12.06 12.35 -3.13
CA CYS B 160 -12.75 12.48 -1.86
C CYS B 160 -11.96 13.23 -0.80
N TYR B 161 -10.71 13.61 -1.06
CA TYR B 161 -9.87 14.05 0.03
C TYR B 161 -8.70 14.85 -0.53
N LEU B 162 -8.42 15.99 0.09
CA LEU B 162 -7.22 16.76 -0.16
C LEU B 162 -6.62 17.02 1.21
N HIS B 163 -5.36 16.70 1.37
CA HIS B 163 -4.80 16.69 2.71
C HIS B 163 -4.61 18.11 3.20
N GLN B 164 -4.88 18.32 4.47
CA GLN B 164 -4.83 19.66 5.06
C GLN B 164 -3.86 19.75 6.22
N LEU B 165 -4.03 18.87 7.21
CA LEU B 165 -3.23 19.04 8.43
C LEU B 165 -3.04 17.77 9.26
N GLU B 166 -2.16 17.88 10.26
CA GLU B 166 -1.92 16.76 11.19
C GLU B 166 -2.26 17.26 12.59
N LEU B 167 -3.11 16.52 13.30
CA LEU B 167 -3.52 16.93 14.66
C LEU B 167 -2.46 16.40 15.63
N GLY B 168 -2.26 15.10 15.62
CA GLY B 168 -1.21 14.50 16.44
C GLY B 168 -0.83 13.19 15.79
N SER B 169 0.37 12.69 16.07
CA SER B 169 0.77 11.36 15.54
C SER B 169 0.46 11.17 14.05
N GLY B 170 -0.09 10.01 13.72
CA GLY B 170 -0.57 9.77 12.36
C GLY B 170 -2.04 10.09 12.27
N CYS B 171 -2.53 11.08 13.03
CA CYS B 171 -3.94 11.50 12.86
C CYS B 171 -3.93 12.63 11.83
N HIS B 172 -4.41 12.31 10.63
CA HIS B 172 -4.36 13.30 9.52
C HIS B 172 -5.76 13.76 9.16
N VAL B 173 -5.86 15.01 8.75
CA VAL B 173 -7.14 15.63 8.48
C VAL B 173 -7.07 16.26 7.10
N GLY B 174 -8.10 16.03 6.31
CA GLY B 174 -8.23 16.67 5.01
C GLY B 174 -9.63 17.25 4.85
N SER B 175 -9.83 17.91 3.71
CA SER B 175 -11.15 18.33 3.32
C SER B 175 -11.61 17.48 2.16
N ASP B 176 -12.93 17.39 1.99
CA ASP B 176 -13.44 16.89 0.72
C ASP B 176 -13.21 17.96 -0.36
N LEU B 177 -13.65 17.64 -1.58
CA LEU B 177 -13.33 18.55 -2.68
C LEU B 177 -14.31 19.71 -2.79
N ASP B 178 -15.35 19.78 -1.95
CA ASP B 178 -16.10 21.03 -1.85
C ASP B 178 -15.54 21.98 -0.80
N GLY B 179 -14.45 21.63 -0.14
CA GLY B 179 -13.87 22.49 0.85
C GLY B 179 -14.35 22.26 2.27
N VAL B 180 -15.23 21.30 2.49
CA VAL B 180 -15.64 20.92 3.84
C VAL B 180 -14.56 20.07 4.49
N MET B 181 -14.02 20.54 5.61
CA MET B 181 -13.09 19.77 6.42
C MET B 181 -13.78 18.56 7.04
N TYR B 182 -13.13 17.40 6.98
CA TYR B 182 -13.66 16.21 7.63
C TYR B 182 -13.61 16.38 9.14
N GLY B 183 -14.70 16.03 9.81
CA GLY B 183 -14.79 16.15 11.26
C GLY B 183 -15.03 17.55 11.77
N GLY B 184 -14.96 18.56 10.90
CA GLY B 184 -15.14 19.93 11.33
C GLY B 184 -13.91 20.59 11.91
N TYR B 185 -12.75 19.93 11.87
CA TYR B 185 -11.54 20.58 12.36
C TYR B 185 -11.27 21.86 11.57
N GLU B 186 -10.59 22.80 12.20
CA GLU B 186 -10.32 24.09 11.54
C GLU B 186 -8.95 24.09 10.87
N ASP B 187 -8.81 24.86 9.78
CA ASP B 187 -7.49 25.05 9.12
C ASP B 187 -6.82 26.24 9.80
N GLN B 188 -6.84 26.23 11.13
CA GLN B 188 -6.17 27.29 11.90
C GLN B 188 -5.09 26.61 12.73
N PRO B 189 -3.90 27.22 12.87
CA PRO B 189 -2.80 26.56 13.54
C PRO B 189 -3.00 26.55 15.04
N THR B 190 -4.24 26.44 15.49
CA THR B 190 -4.54 26.57 16.92
C THR B 190 -4.56 25.19 17.55
N LEU B 191 -4.84 25.12 18.85
CA LEU B 191 -4.91 23.82 19.56
C LEU B 191 -6.23 23.06 19.45
N GLN B 192 -6.24 22.02 18.61
CA GLN B 192 -7.46 21.19 18.47
C GLN B 192 -7.11 19.75 18.86
N VAL B 193 -8.09 19.03 19.39
CA VAL B 193 -7.85 17.61 19.76
C VAL B 193 -8.79 16.71 18.97
N GLU B 194 -8.27 15.58 18.52
CA GLU B 194 -9.11 14.59 17.82
C GLU B 194 -10.05 14.02 18.87
N GLY B 195 -11.25 13.63 18.44
CA GLY B 195 -12.15 12.97 19.39
C GLY B 195 -11.66 11.56 19.64
N ALA B 196 -12.43 10.79 20.41
CA ALA B 196 -12.00 9.41 20.53
C ALA B 196 -12.31 8.65 19.23
N SER B 197 -11.69 7.49 19.07
CA SER B 197 -11.95 6.66 17.91
C SER B 197 -12.27 5.24 18.36
N SER B 198 -13.25 4.64 17.69
CA SER B 198 -13.67 3.28 17.94
C SER B 198 -13.37 2.38 16.74
N LEU B 199 -13.07 1.12 17.02
CA LEU B 199 -12.86 0.14 15.95
C LEU B 199 -14.18 -0.12 15.24
N PHE B 200 -14.17 -0.08 13.92
CA PHE B 200 -15.38 -0.39 13.16
C PHE B 200 -15.60 -1.90 13.14
N THR B 201 -16.59 -2.34 13.92
CA THR B 201 -16.89 -3.77 13.98
C THR B 201 -17.31 -4.29 12.62
N GLU B 202 -18.06 -3.49 11.84
CA GLU B 202 -18.40 -3.95 10.50
C GLU B 202 -17.14 -4.24 9.68
N ASN B 203 -16.09 -3.46 9.89
CA ASN B 203 -14.86 -3.64 9.13
C ASN B 203 -14.06 -4.84 9.64
N VAL B 204 -14.00 -5.03 10.97
CA VAL B 204 -13.36 -6.22 11.52
C VAL B 204 -14.00 -7.48 10.96
N LEU B 205 -15.34 -7.50 10.87
CA LEU B 205 -16.04 -8.67 10.36
C LEU B 205 -15.69 -8.93 8.90
N ALA B 206 -15.59 -7.88 8.10
CA ALA B 206 -15.15 -8.04 6.72
C ALA B 206 -13.78 -8.68 6.66
N PHE B 207 -12.89 -8.24 7.55
CA PHE B 207 -11.55 -8.81 7.63
C PHE B 207 -11.60 -10.27 8.09
N LEU B 208 -12.39 -10.57 9.12
CA LEU B 208 -12.49 -11.95 9.58
C LEU B 208 -13.05 -12.87 8.49
N TYR B 209 -14.04 -12.40 7.74
CA TYR B 209 -14.52 -13.20 6.62
C TYR B 209 -13.42 -13.39 5.59
N ALA B 210 -12.64 -12.34 5.33
CA ALA B 210 -11.54 -12.47 4.39
C ALA B 210 -10.54 -13.51 4.87
N ALA B 211 -10.37 -13.61 6.19
CA ALA B 211 -9.51 -14.65 6.77
C ALA B 211 -10.06 -16.04 6.48
N LEU B 212 -11.36 -16.25 6.74
CA LEU B 212 -12.00 -17.55 6.48
C LEU B 212 -11.84 -17.97 5.03
N ILE B 213 -12.21 -17.10 4.10
CA ILE B 213 -12.11 -17.45 2.68
C ILE B 213 -10.68 -17.86 2.33
N ASN B 214 -9.68 -17.34 3.03
CA ASN B 214 -8.30 -17.70 2.76
C ASN B 214 -7.80 -18.87 3.61
N GLY B 215 -8.68 -19.55 4.34
CA GLY B 215 -8.27 -20.72 5.09
C GLY B 215 -7.80 -20.47 6.51
N SER B 216 -7.73 -19.22 6.95
CA SER B 216 -7.31 -18.93 8.32
C SER B 216 -8.52 -19.10 9.24
N THR B 217 -8.48 -20.12 10.11
CA THR B 217 -9.61 -20.44 10.98
C THR B 217 -9.25 -20.69 12.45
N TRP B 218 -7.97 -20.58 12.83
CA TRP B 218 -7.56 -20.86 14.21
C TRP B 218 -8.32 -19.99 15.22
N TRP B 219 -8.85 -18.84 14.82
CA TRP B 219 -9.48 -17.90 15.73
C TRP B 219 -10.99 -18.07 15.84
N LEU B 220 -11.61 -18.95 15.03
CA LEU B 220 -13.05 -18.96 14.85
C LEU B 220 -13.76 -19.71 15.98
N SER B 221 -14.55 -18.98 16.77
CA SER B 221 -15.33 -19.58 17.84
C SER B 221 -16.21 -20.71 17.32
N SER B 222 -16.52 -21.67 18.18
CA SER B 222 -17.58 -22.61 17.85
C SER B 222 -18.93 -22.13 18.36
N SER B 223 -18.94 -21.35 19.44
CA SER B 223 -20.16 -20.80 20.00
C SER B 223 -20.47 -19.43 19.41
N ARG B 224 -21.75 -19.12 19.30
CA ARG B 224 -22.21 -17.86 18.74
C ARG B 224 -22.60 -16.92 19.87
N ILE B 225 -22.66 -15.63 19.56
CA ILE B 225 -23.12 -14.65 20.53
C ILE B 225 -24.15 -13.75 19.84
N ALA B 226 -25.13 -13.30 20.62
CA ALA B 226 -26.24 -12.53 20.07
C ALA B 226 -25.84 -11.08 19.84
N VAL B 227 -26.31 -10.52 18.72
CA VAL B 227 -25.94 -9.16 18.33
C VAL B 227 -26.09 -8.19 19.49
N ASP B 228 -27.21 -8.28 20.21
CA ASP B 228 -27.42 -7.36 21.33
C ASP B 228 -26.41 -7.58 22.44
N ARG B 229 -26.12 -8.84 22.76
CA ARG B 229 -25.11 -9.14 23.80
C ARG B 229 -23.76 -8.53 23.44
N PHE B 230 -23.29 -8.76 22.21
CA PHE B 230 -22.04 -8.18 21.75
C PHE B 230 -22.09 -6.64 21.80
N ASN B 231 -23.20 -6.05 21.37
CA ASN B 231 -23.33 -4.59 21.41
C ASN B 231 -23.12 -4.05 22.82
N GLU B 232 -23.65 -4.74 23.83
CA GLU B 232 -23.45 -4.30 25.21
C GLU B 232 -21.98 -4.28 25.56
N TRP B 233 -21.25 -5.29 25.10
CA TRP B 233 -19.81 -5.39 25.34
C TRP B 233 -19.02 -4.37 24.51
N ALA B 234 -19.42 -4.18 23.25
CA ALA B 234 -18.65 -3.34 22.34
C ALA B 234 -18.49 -1.91 22.87
N VAL B 235 -19.56 -1.32 23.41
CA VAL B 235 -19.50 0.06 23.86
C VAL B 235 -18.56 0.27 25.04
N HIS B 236 -18.25 -0.79 25.80
CA HIS B 236 -17.30 -0.69 26.89
C HIS B 236 -15.93 -1.21 26.51
N ASN B 237 -15.73 -1.56 25.24
CA ASN B 237 -14.45 -2.10 24.77
C ASN B 237 -13.98 -1.39 23.51
N GLY B 238 -14.44 -0.15 23.31
CA GLY B 238 -14.03 0.68 22.21
C GLY B 238 -14.24 0.04 20.85
N MET B 239 -15.42 -0.54 20.63
CA MET B 239 -15.81 -0.99 19.31
C MET B 239 -17.23 -0.56 19.06
N THR B 240 -17.54 -0.36 17.79
CA THR B 240 -18.85 0.14 17.41
C THR B 240 -19.88 -0.98 17.47
N THR B 241 -21.13 -0.62 17.71
CA THR B 241 -22.19 -1.59 17.75
C THR B 241 -22.55 -2.04 16.34
N VAL B 242 -23.31 -3.12 16.26
CA VAL B 242 -23.73 -3.69 14.98
C VAL B 242 -25.24 -3.57 14.86
N VAL B 243 -25.68 -2.98 13.75
CA VAL B 243 -27.09 -2.77 13.43
C VAL B 243 -27.65 -4.00 12.72
N ASN B 244 -27.24 -4.20 11.46
CA ASN B 244 -27.84 -5.15 10.54
C ASN B 244 -26.79 -6.16 10.13
N THR B 245 -27.15 -7.44 10.12
CA THR B 245 -26.21 -8.47 9.69
C THR B 245 -26.39 -8.85 8.21
N ASP B 246 -27.35 -8.26 7.49
CA ASP B 246 -27.56 -8.69 6.11
C ASP B 246 -26.49 -8.15 5.17
N CYS B 247 -25.82 -7.06 5.52
CA CYS B 247 -24.73 -6.58 4.67
C CYS B 247 -23.60 -7.61 4.53
N PHE B 248 -23.56 -8.63 5.38
CA PHE B 248 -22.58 -9.70 5.26
C PHE B 248 -23.17 -10.93 4.59
N SER B 249 -24.30 -10.78 3.91
CA SER B 249 -24.92 -11.93 3.26
C SER B 249 -23.96 -12.57 2.25
N ILE B 250 -23.21 -11.76 1.50
CA ILE B 250 -22.30 -12.31 0.49
C ILE B 250 -21.29 -13.26 1.12
N PHE B 251 -20.85 -12.96 2.36
CA PHE B 251 -19.86 -13.82 3.01
C PHE B 251 -20.50 -15.05 3.62
N ALA B 252 -21.69 -14.89 4.21
CA ALA B 252 -22.46 -16.05 4.68
C ALA B 252 -22.64 -17.06 3.55
N ALA B 253 -22.95 -16.57 2.36
CA ALA B 253 -23.20 -17.45 1.21
C ALA B 253 -21.93 -18.13 0.70
N LYS B 254 -20.74 -17.70 1.13
CA LYS B 254 -19.51 -18.31 0.63
C LYS B 254 -18.74 -19.11 1.69
N THR B 255 -19.05 -18.93 2.97
CA THR B 255 -18.29 -19.58 4.02
C THR B 255 -19.13 -20.51 4.90
N GLY B 256 -20.45 -20.47 4.79
CA GLY B 256 -21.30 -21.14 5.75
C GLY B 256 -21.30 -20.54 7.14
N VAL B 257 -20.47 -19.53 7.41
CA VAL B 257 -20.28 -19.00 8.75
C VAL B 257 -21.10 -17.73 8.91
N ASP B 258 -21.78 -17.62 10.05
CA ASP B 258 -22.67 -16.51 10.30
C ASP B 258 -21.98 -15.47 11.17
N VAL B 259 -22.49 -14.24 11.11
CA VAL B 259 -21.89 -13.11 11.81
C VAL B 259 -21.81 -13.37 13.31
N GLN B 260 -22.82 -14.05 13.88
CA GLN B 260 -22.85 -14.26 15.32
C GLN B 260 -21.65 -15.09 15.79
N ARG B 261 -21.18 -16.00 14.96
CA ARG B 261 -19.96 -16.72 15.31
C ARG B 261 -18.75 -15.79 15.26
N LEU B 262 -18.71 -14.87 14.29
CA LEU B 262 -17.59 -13.95 14.20
C LEU B 262 -17.58 -12.94 15.36
N LEU B 263 -18.75 -12.51 15.85
CA LEU B 263 -18.76 -11.56 16.97
C LEU B 263 -18.23 -12.21 18.24
N ALA B 264 -18.53 -13.50 18.43
CA ALA B 264 -17.93 -14.27 19.52
C ALA B 264 -16.43 -14.38 19.37
N SER B 265 -15.94 -14.58 18.14
CA SER B 265 -14.51 -14.61 17.92
C SER B 265 -13.87 -13.25 18.22
N ILE B 266 -14.53 -12.16 17.82
CA ILE B 266 -14.00 -10.83 18.07
C ILE B 266 -13.76 -10.63 19.57
N GLN B 267 -14.72 -11.02 20.41
CA GLN B 267 -14.53 -10.83 21.85
C GLN B 267 -13.39 -11.68 22.37
N SER B 268 -13.24 -12.90 21.87
CA SER B 268 -12.15 -13.73 22.36
C SER B 268 -10.81 -13.20 21.86
N LEU B 269 -10.77 -12.70 20.63
CA LEU B 269 -9.55 -12.06 20.15
C LEU B 269 -9.24 -10.78 20.94
N HIS B 270 -10.26 -10.06 21.40
CA HIS B 270 -9.99 -8.90 22.26
C HIS B 270 -9.47 -9.33 23.63
N LYS B 271 -9.83 -10.54 24.08
CA LYS B 271 -9.40 -11.02 25.39
C LYS B 271 -7.90 -11.36 25.41
N ASN B 272 -7.39 -11.94 24.33
CA ASN B 272 -5.96 -12.21 24.25
C ASN B 272 -5.38 -11.41 23.09
N PHE B 273 -5.46 -10.08 23.19
CA PHE B 273 -5.19 -9.22 22.04
C PHE B 273 -3.74 -9.31 21.57
N GLY B 274 -3.54 -9.79 20.35
CA GLY B 274 -2.21 -9.93 19.79
C GLY B 274 -1.56 -11.28 19.99
N GLY B 275 -2.27 -12.26 20.55
CA GLY B 275 -1.62 -13.54 20.80
C GLY B 275 -1.16 -14.26 19.55
N LYS B 276 -1.74 -13.91 18.40
CA LYS B 276 -1.34 -14.47 17.13
C LYS B 276 -1.87 -13.55 16.05
N GLN B 277 -1.21 -13.53 14.90
CA GLN B 277 -1.64 -12.72 13.79
C GLN B 277 -2.70 -13.44 12.97
N ILE B 278 -3.51 -12.66 12.26
CA ILE B 278 -4.44 -13.20 11.28
C ILE B 278 -3.98 -12.69 9.91
N LEU B 279 -3.61 -13.61 9.03
CA LEU B 279 -3.08 -13.28 7.70
C LEU B 279 -1.94 -12.25 7.79
N GLY B 280 -1.07 -12.40 8.79
CA GLY B 280 0.02 -11.45 8.99
C GLY B 280 -0.42 -10.08 9.47
N TYR B 281 -1.68 -9.93 9.84
CA TYR B 281 -2.23 -8.68 10.34
C TYR B 281 -2.64 -8.85 11.79
N THR B 282 -2.54 -7.76 12.54
CA THR B 282 -3.23 -7.65 13.82
C THR B 282 -4.63 -8.20 13.67
N SER B 283 -5.00 -9.13 14.54
CA SER B 283 -6.41 -9.46 14.60
C SER B 283 -7.15 -8.20 15.02
N LEU B 284 -8.38 -8.06 14.55
CA LEU B 284 -9.17 -6.86 14.83
C LEU B 284 -8.69 -5.65 14.04
N THR B 285 -7.96 -5.84 12.95
CA THR B 285 -7.73 -4.73 12.04
C THR B 285 -9.07 -4.29 11.44
N ASP B 286 -9.33 -2.97 11.46
CA ASP B 286 -10.60 -2.43 10.97
C ASP B 286 -10.43 -1.54 9.73
N GLU B 287 -9.34 -1.70 9.00
CA GLU B 287 -9.07 -0.88 7.81
C GLU B 287 -9.64 -1.47 6.53
N PHE B 288 -10.18 -2.68 6.55
CA PHE B 288 -10.74 -3.33 5.36
C PHE B 288 -12.26 -3.24 5.37
N THR B 289 -12.82 -2.80 4.26
CA THR B 289 -14.26 -2.85 4.11
C THR B 289 -14.68 -4.12 3.36
N THR B 290 -15.98 -4.39 3.40
CA THR B 290 -16.50 -5.53 2.66
C THR B 290 -16.22 -5.39 1.16
N GLY B 291 -16.41 -4.19 0.62
CA GLY B 291 -16.16 -3.99 -0.79
C GLY B 291 -14.74 -4.29 -1.18
N GLU B 292 -13.79 -3.69 -0.44
CA GLU B 292 -12.37 -3.99 -0.61
C GLU B 292 -12.12 -5.49 -0.63
N VAL B 293 -12.65 -6.20 0.37
CA VAL B 293 -12.37 -7.62 0.51
C VAL B 293 -12.82 -8.37 -0.74
N ILE B 294 -14.07 -8.15 -1.16
CA ILE B 294 -14.62 -8.83 -2.32
C ILE B 294 -13.84 -8.46 -3.57
N ARG B 295 -13.64 -7.16 -3.78
CA ARG B 295 -12.90 -6.71 -4.94
C ARG B 295 -11.52 -7.37 -5.00
N GLN B 296 -10.86 -7.49 -3.85
CA GLN B 296 -9.55 -8.13 -3.82
C GLN B 296 -9.65 -9.65 -3.96
N MET B 297 -10.62 -10.27 -3.31
CA MET B 297 -10.60 -11.72 -3.21
C MET B 297 -11.02 -12.36 -4.52
N TYR B 298 -12.23 -12.07 -4.96
CA TYR B 298 -12.81 -12.63 -6.16
C TYR B 298 -12.70 -11.69 -7.34
N GLY B 299 -12.83 -10.39 -7.09
CA GLY B 299 -12.92 -9.40 -8.14
C GLY B 299 -14.29 -8.76 -8.12
N GLY C 2 2.69 -26.19 -4.08
CA GLY C 2 2.79 -25.11 -5.03
C GLY C 2 1.55 -24.89 -5.89
N VAL C 3 1.16 -23.62 -6.09
CA VAL C 3 0.13 -23.22 -7.06
C VAL C 3 0.76 -22.26 -8.07
N ASN C 4 0.84 -22.68 -9.33
CA ASN C 4 1.24 -21.79 -10.43
C ASN C 4 0.12 -20.79 -10.67
N LEU C 5 0.36 -19.52 -10.36
CA LEU C 5 -0.72 -18.54 -10.44
C LEU C 5 -0.81 -18.00 -11.87
#